data_7EI2
#
_entry.id   7EI2
#
_cell.length_a   83.693
_cell.length_b   67.645
_cell.length_c   44.300
_cell.angle_alpha   90.000
_cell.angle_beta   104.000
_cell.angle_gamma   90.000
#
_symmetry.space_group_name_H-M   'C 1 2 1'
#
loop_
_entity.id
_entity.type
_entity.pdbx_description
1 polymer 'Nicotinamide N-methyltransferase'
2 polymer 'macrocyclic peptide 8'
3 water water
#
loop_
_entity_poly.entity_id
_entity_poly.type
_entity_poly.pdbx_seq_one_letter_code
_entity_poly.pdbx_strand_id
1 'polypeptide(L)'
;GSGFTSKDTYLSHFNPRDYLEKYYKFGSRHSAESQILKHLLKNLFKIFCLDGVKGDLLIDIGSGPTIYQLLSACESFKEI
VVTDYSDQNLQELEKWLKKEPAAFDWSPVVTYVCDLEGNRVKGPEKEEKLRQAVKQVLKCDVTQSQPLGAVPLPPADCVL
STLCLDAACPDLPTYCRALRNLGSLLKPGGFLVIMDALKSSYYMIGEQKFSSLPLGREAVEAAVKEAGYTIEWFEVISQS
YSSTMANNEGLFSLVARKL
;
A
2 'polypeptide(L)' G(MEA)PYKP(DI8)(XA6)C B
#
# COMPACT_ATOMS: atom_id res chain seq x y z
N LEU A 11 3.94 15.65 -17.84
CA LEU A 11 2.64 16.06 -17.23
C LEU A 11 2.85 16.78 -15.90
N SER A 12 2.06 16.42 -14.88
CA SER A 12 2.18 17.06 -13.56
C SER A 12 3.37 16.57 -12.69
N HIS A 13 4.06 15.51 -13.11
CA HIS A 13 5.38 15.14 -12.49
C HIS A 13 6.17 14.39 -13.56
N PHE A 14 7.50 14.50 -13.51
CA PHE A 14 8.40 14.01 -14.58
C PHE A 14 9.02 12.65 -14.30
N ASN A 15 9.08 12.27 -13.02
CA ASN A 15 9.74 11.03 -12.61
C ASN A 15 9.25 10.71 -11.20
N PRO A 16 9.59 9.52 -10.65
CA PRO A 16 9.07 9.18 -9.32
C PRO A 16 9.52 10.13 -8.24
N ARG A 17 10.73 10.66 -8.34
CA ARG A 17 11.23 11.59 -7.30
C ARG A 17 10.50 12.95 -7.31
N ASP A 18 10.26 13.50 -8.51
CA ASP A 18 9.46 14.70 -8.68
C ASP A 18 8.08 14.48 -8.00
N TYR A 19 7.47 13.34 -8.30
CA TYR A 19 6.21 12.92 -7.61
C TYR A 19 6.32 12.95 -6.10
N LEU A 20 7.35 12.32 -5.56
CA LEU A 20 7.60 12.41 -4.12
C LEU A 20 7.81 13.84 -3.65
N GLU A 21 8.63 14.63 -4.34
CA GLU A 21 8.85 16.01 -3.84
C GLU A 21 7.55 16.82 -3.90
N LYS A 22 6.68 16.54 -4.85
CA LYS A 22 5.47 17.35 -4.99
C LYS A 22 4.46 17.03 -3.90
N TYR A 23 4.42 15.78 -3.44
CA TYR A 23 3.26 15.41 -2.64
C TYR A 23 3.53 14.88 -1.24
N TYR A 24 4.78 14.53 -0.92
CA TYR A 24 5.07 13.79 0.34
C TYR A 24 6.00 14.52 1.31
N LYS A 25 6.20 15.81 1.07
CA LYS A 25 7.08 16.58 1.95
C LYS A 25 6.41 16.93 3.30
N PHE A 26 5.08 16.89 3.34
CA PHE A 26 4.36 16.89 4.63
C PHE A 26 4.65 18.14 5.46
N GLY A 27 4.88 19.26 4.77
CA GLY A 27 5.28 20.49 5.44
C GLY A 27 4.13 21.46 5.64
N SER A 28 2.98 21.18 5.00
CA SER A 28 1.78 22.03 5.17
C SER A 28 0.58 21.28 5.78
N ARG A 29 0.30 21.53 7.07
CA ARG A 29 -0.73 20.73 7.74
C ARG A 29 -2.14 20.69 7.11
N HIS A 30 -2.58 21.77 6.46
CA HIS A 30 -3.94 21.81 5.89
C HIS A 30 -3.99 21.47 4.38
N SER A 31 -2.87 21.18 3.74
CA SER A 31 -2.90 20.79 2.33
C SER A 31 -3.78 19.53 2.10
N ALA A 32 -4.35 19.39 0.91
CA ALA A 32 -5.08 18.13 0.60
C ALA A 32 -4.21 16.86 0.82
N GLU A 33 -2.94 16.91 0.41
CA GLU A 33 -2.02 15.78 0.58
C GLU A 33 -1.70 15.38 2.00
N SER A 34 -1.52 16.35 2.88
CA SER A 34 -1.22 16.04 4.27
C SER A 34 -2.43 15.37 4.88
N GLN A 35 -3.62 15.88 4.55
CA GLN A 35 -4.85 15.37 5.15
C GLN A 35 -5.13 13.96 4.73
N ILE A 36 -4.97 13.68 3.43
CA ILE A 36 -5.10 12.31 2.91
C ILE A 36 -4.06 11.39 3.54
N LEU A 37 -2.81 11.86 3.56
CA LEU A 37 -1.77 11.04 4.11
C LEU A 37 -2.01 10.77 5.61
N LYS A 38 -2.49 11.76 6.37
CA LYS A 38 -2.81 11.47 7.79
C LYS A 38 -3.91 10.41 7.97
N HIS A 39 -4.91 10.43 7.09
CA HIS A 39 -6.01 9.47 7.20
C HIS A 39 -5.50 8.07 6.86
N LEU A 40 -4.71 7.97 5.79
CA LEU A 40 -4.16 6.66 5.43
C LEU A 40 -3.35 6.12 6.62
N LEU A 41 -2.52 6.99 7.19
CA LEU A 41 -1.58 6.64 8.25
C LEU A 41 -2.27 6.26 9.56
N LYS A 42 -3.29 7.01 9.94
CA LYS A 42 -4.10 6.64 11.17
C LYS A 42 -4.69 5.26 10.94
N ASN A 43 -5.19 5.03 9.74
CA ASN A 43 -5.81 3.75 9.41
C ASN A 43 -4.87 2.56 9.40
N LEU A 44 -3.67 2.72 8.81
CA LEU A 44 -2.64 1.69 8.85
C LEU A 44 -2.15 1.46 10.29
N PHE A 45 -2.07 2.51 11.08
CA PHE A 45 -1.67 2.31 12.52
C PHE A 45 -2.76 1.48 13.24
N LYS A 46 -4.01 1.87 13.03
CA LYS A 46 -5.11 1.03 13.55
C LYS A 46 -5.05 -0.44 13.14
N ILE A 47 -4.92 -0.69 11.83
CA ILE A 47 -4.83 -2.06 11.34
C ILE A 47 -3.66 -2.84 11.94
N PHE A 48 -2.44 -2.31 11.79
CA PHE A 48 -1.27 -3.12 12.16
C PHE A 48 -0.85 -3.08 13.63
N CYS A 49 -1.19 -2.00 14.31
CA CYS A 49 -0.83 -1.86 15.75
C CYS A 49 -1.98 -2.16 16.72
N LEU A 50 -3.14 -1.53 16.54
CA LEU A 50 -4.29 -1.76 17.44
C LEU A 50 -5.06 -3.05 17.12
N ASP A 51 -5.55 -3.20 15.90
CA ASP A 51 -6.31 -4.39 15.53
C ASP A 51 -5.45 -5.64 15.48
N GLY A 52 -4.15 -5.51 15.74
CA GLY A 52 -3.25 -6.66 15.72
C GLY A 52 -3.26 -7.58 14.49
N VAL A 53 -3.13 -6.99 13.30
CA VAL A 53 -2.79 -7.73 12.07
C VAL A 53 -1.26 -7.94 12.05
N LYS A 54 -0.82 -9.19 12.06
CA LYS A 54 0.56 -9.48 12.44
C LYS A 54 1.00 -10.77 11.79
N GLY A 55 2.29 -11.00 11.71
CA GLY A 55 2.76 -12.22 11.10
C GLY A 55 4.21 -12.12 10.73
N ASP A 56 4.68 -13.06 9.94
CA ASP A 56 6.08 -13.17 9.62
C ASP A 56 6.42 -12.44 8.32
N LEU A 57 5.73 -12.79 7.24
CA LEU A 57 5.95 -12.22 5.92
C LEU A 57 4.76 -11.35 5.44
N LEU A 58 5.02 -10.07 5.13
CA LEU A 58 4.04 -9.19 4.44
C LEU A 58 4.51 -8.82 3.03
N ILE A 59 3.64 -8.96 2.02
CA ILE A 59 4.00 -8.53 0.65
C ILE A 59 3.24 -7.24 0.37
N ASP A 60 3.95 -6.18 -0.03
CA ASP A 60 3.37 -4.88 -0.37
C ASP A 60 3.26 -4.73 -1.88
N ILE A 61 2.03 -4.56 -2.36
CA ILE A 61 1.73 -4.59 -3.79
C ILE A 61 1.53 -3.14 -4.20
N GLY A 62 2.21 -2.72 -5.26
CA GLY A 62 2.16 -1.33 -5.70
C GLY A 62 2.78 -0.36 -4.72
N SER A 63 3.93 -0.71 -4.19
CA SER A 63 4.62 0.19 -3.27
C SER A 63 4.92 1.54 -3.90
N GLY A 64 5.10 1.56 -5.23
CA GLY A 64 5.57 2.77 -5.90
C GLY A 64 6.92 3.19 -5.30
N PRO A 65 7.19 4.51 -5.28
CA PRO A 65 8.43 5.00 -4.68
C PRO A 65 8.19 5.39 -3.19
N THR A 66 7.07 4.96 -2.60
CA THR A 66 6.74 5.44 -1.24
C THR A 66 7.00 4.39 -0.14
N ILE A 67 7.30 4.87 1.07
CA ILE A 67 7.46 3.93 2.22
C ILE A 67 6.39 4.17 3.30
N TYR A 68 5.54 5.20 3.11
CA TYR A 68 4.62 5.58 4.21
C TYR A 68 3.72 4.39 4.67
N GLN A 69 3.38 3.51 3.74
CA GLN A 69 2.40 2.42 3.97
C GLN A 69 3.05 1.26 4.72
N LEU A 70 4.37 1.36 4.92
CA LEU A 70 5.13 0.28 5.57
C LEU A 70 5.53 0.65 7.00
N LEU A 71 5.31 1.90 7.41
CA LEU A 71 5.86 2.39 8.66
C LEU A 71 5.24 1.75 9.91
N SER A 72 3.92 1.66 10.00
CA SER A 72 3.33 0.87 11.08
C SER A 72 3.50 -0.63 10.88
N ALA A 73 3.39 -1.11 9.64
CA ALA A 73 3.53 -2.54 9.31
C ALA A 73 4.81 -3.15 9.79
N CYS A 74 5.92 -2.41 9.75
CA CYS A 74 7.22 -2.99 10.17
C CYS A 74 7.30 -3.24 11.68
N GLU A 75 6.35 -2.72 12.45
CA GLU A 75 6.25 -3.10 13.87
C GLU A 75 5.56 -4.46 14.01
N SER A 76 4.93 -4.96 12.95
CA SER A 76 4.09 -6.16 13.09
C SER A 76 4.50 -7.32 12.25
N PHE A 77 5.39 -7.07 11.29
CA PHE A 77 5.86 -8.14 10.41
C PHE A 77 7.37 -8.17 10.39
N LYS A 78 7.91 -9.39 10.51
CA LYS A 78 9.35 -9.63 10.55
C LYS A 78 10.03 -9.29 9.23
N GLU A 79 9.53 -9.86 8.13
CA GLU A 79 9.99 -9.49 6.79
C GLU A 79 8.88 -8.75 6.00
N ILE A 80 9.26 -7.70 5.28
CA ILE A 80 8.41 -7.07 4.28
C ILE A 80 9.07 -7.13 2.87
N VAL A 81 8.34 -7.71 1.92
CA VAL A 81 8.73 -7.66 0.52
C VAL A 81 8.05 -6.46 -0.17
N VAL A 82 8.83 -5.55 -0.76
CA VAL A 82 8.20 -4.41 -1.45
C VAL A 82 8.17 -4.73 -2.94
N THR A 83 7.08 -4.35 -3.59
CA THR A 83 6.90 -4.66 -5.00
C THR A 83 6.21 -3.54 -5.80
N ASP A 84 6.43 -3.56 -7.10
CA ASP A 84 5.81 -2.56 -8.00
C ASP A 84 5.94 -3.02 -9.46
N TYR A 85 5.03 -2.56 -10.29
CA TYR A 85 5.11 -2.79 -11.72
C TYR A 85 6.26 -1.98 -12.31
N SER A 86 6.56 -0.81 -11.74
CA SER A 86 7.55 0.07 -12.39
C SER A 86 8.93 0.02 -11.77
N ASP A 87 9.91 -0.31 -12.60
CA ASP A 87 11.25 -0.48 -12.13
C ASP A 87 11.84 0.86 -11.66
N GLN A 88 11.45 1.93 -12.31
CA GLN A 88 11.88 3.28 -11.87
C GLN A 88 11.34 3.62 -10.47
N ASN A 89 10.12 3.20 -10.17
CA ASN A 89 9.61 3.34 -8.79
C ASN A 89 10.53 2.62 -7.82
N LEU A 90 10.82 1.35 -8.12
CA LEU A 90 11.72 0.53 -7.26
C LEU A 90 13.15 1.14 -7.01
N GLN A 91 13.77 1.70 -8.05
CA GLN A 91 15.06 2.34 -7.89
C GLN A 91 14.97 3.52 -6.92
N GLU A 92 13.89 4.32 -6.98
CA GLU A 92 13.78 5.48 -6.11
C GLU A 92 13.64 4.96 -4.68
N LEU A 93 12.85 3.91 -4.55
CA LEU A 93 12.64 3.26 -3.28
C LEU A 93 14.01 2.73 -2.70
N GLU A 94 14.77 2.03 -3.54
CA GLU A 94 16.09 1.49 -3.19
C GLU A 94 17.11 2.53 -2.76
N LYS A 95 17.11 3.69 -3.44
CA LYS A 95 17.93 4.80 -3.05
C LYS A 95 17.72 5.13 -1.55
N TRP A 96 16.46 5.09 -1.09
CA TRP A 96 16.19 5.31 0.33
C TRP A 96 16.56 4.14 1.27
N LEU A 97 16.28 2.93 0.80
CA LEU A 97 16.49 1.75 1.66
C LEU A 97 18.00 1.64 1.90
N LYS A 98 18.80 1.81 0.83
CA LYS A 98 20.28 1.76 0.87
C LYS A 98 20.96 2.99 1.44
N LYS A 99 20.18 3.95 1.91
CA LYS A 99 20.68 5.27 2.25
C LYS A 99 21.65 5.80 1.17
N GLU A 100 21.43 5.50 -0.11
CA GLU A 100 22.22 6.09 -1.23
C GLU A 100 22.15 7.63 -1.20
N PRO A 101 23.02 8.31 -2.00
CA PRO A 101 23.03 9.79 -1.94
C PRO A 101 21.72 10.45 -2.42
N ALA A 102 21.27 11.49 -1.70
CA ALA A 102 20.16 12.28 -2.20
C ALA A 102 18.90 11.40 -2.31
N ALA A 103 18.68 10.56 -1.30
CA ALA A 103 17.42 9.81 -1.15
C ALA A 103 16.35 10.79 -0.67
N PHE A 104 15.08 10.50 -0.90
CA PHE A 104 14.03 11.44 -0.50
C PHE A 104 14.10 11.59 1.02
N ASP A 105 13.71 12.74 1.53
CA ASP A 105 13.67 12.86 2.99
C ASP A 105 12.29 12.46 3.52
N TRP A 106 12.18 11.23 4.04
CA TRP A 106 10.89 10.74 4.63
C TRP A 106 10.70 11.14 6.09
N SER A 107 11.66 11.87 6.68
CA SER A 107 11.62 12.04 8.16
C SER A 107 10.33 12.66 8.70
N PRO A 108 9.75 13.64 7.97
CA PRO A 108 8.54 14.27 8.46
C PRO A 108 7.38 13.27 8.60
N VAL A 109 7.22 12.38 7.60
CA VAL A 109 6.17 11.35 7.60
C VAL A 109 6.54 10.30 8.68
N VAL A 110 7.81 9.92 8.72
CA VAL A 110 8.29 8.99 9.73
C VAL A 110 7.96 9.48 11.18
N THR A 111 8.27 10.75 11.46
CA THR A 111 8.03 11.29 12.79
C THR A 111 6.55 11.35 13.07
N TYR A 112 5.75 11.69 12.06
CA TYR A 112 4.30 11.73 12.25
C TYR A 112 3.81 10.38 12.77
N VAL A 113 4.34 9.30 12.18
CA VAL A 113 3.89 7.96 12.49
C VAL A 113 4.40 7.64 13.90
N CYS A 114 5.65 8.02 14.20
CA CYS A 114 6.17 7.88 15.59
C CYS A 114 5.23 8.56 16.60
N ASP A 115 4.72 9.75 16.25
CA ASP A 115 3.71 10.47 17.06
C ASP A 115 2.48 9.62 17.30
N LEU A 116 1.91 9.06 16.23
CA LEU A 116 0.70 8.24 16.34
C LEU A 116 0.96 7.06 17.24
N GLU A 117 2.14 6.49 17.11
CA GLU A 117 2.44 5.26 17.87
C GLU A 117 2.78 5.55 19.35
N GLY A 118 2.69 6.82 19.73
CA GLY A 118 2.85 7.25 21.13
C GLY A 118 4.21 7.80 21.51
N ASN A 119 4.95 8.28 20.52
CA ASN A 119 6.34 8.71 20.65
C ASN A 119 7.20 7.81 21.55
N ARG A 120 7.06 6.49 21.35
CA ARG A 120 7.88 5.48 22.01
C ARG A 120 9.24 5.42 21.34
N VAL A 121 9.31 5.84 20.07
CA VAL A 121 10.57 5.84 19.29
C VAL A 121 10.74 7.17 18.53
N LYS A 122 12.00 7.53 18.26
CA LYS A 122 12.34 8.65 17.39
C LYS A 122 12.56 8.10 15.96
N GLY A 123 12.53 9.01 14.99
CA GLY A 123 12.68 8.71 13.56
C GLY A 123 13.72 7.67 13.17
N PRO A 124 15.01 7.95 13.45
CA PRO A 124 16.08 7.01 13.03
C PRO A 124 15.87 5.55 13.43
N GLU A 125 15.40 5.28 14.66
CA GLU A 125 15.13 3.90 15.07
C GLU A 125 14.00 3.24 14.21
N LYS A 126 12.91 3.97 14.01
CA LYS A 126 11.82 3.54 13.14
C LYS A 126 12.35 3.21 11.72
N GLU A 127 13.15 4.12 11.16
CA GLU A 127 13.70 3.99 9.81
C GLU A 127 14.55 2.74 9.69
N GLU A 128 15.41 2.56 10.69
CA GLU A 128 16.26 1.38 10.76
C GLU A 128 15.44 0.10 10.88
N LYS A 129 14.38 0.12 11.68
CA LYS A 129 13.52 -1.07 11.73
C LYS A 129 12.84 -1.43 10.36
N LEU A 130 12.43 -0.45 9.59
CA LEU A 130 11.89 -0.73 8.24
C LEU A 130 12.99 -1.23 7.30
N ARG A 131 14.17 -0.58 7.36
CA ARG A 131 15.30 -1.03 6.50
C ARG A 131 15.67 -2.50 6.77
N GLN A 132 15.58 -2.92 8.03
CA GLN A 132 15.90 -4.31 8.38
C GLN A 132 14.82 -5.27 7.94
N ALA A 133 13.57 -4.81 8.00
CA ALA A 133 12.44 -5.65 7.57
C ALA A 133 12.46 -5.93 6.07
N VAL A 134 12.98 -4.98 5.29
CA VAL A 134 12.90 -5.09 3.83
C VAL A 134 14.11 -5.79 3.22
N LYS A 135 13.91 -6.94 2.59
CA LYS A 135 15.00 -7.76 2.07
C LYS A 135 14.87 -7.93 0.57
N GLN A 136 13.66 -7.96 0.06
CA GLN A 136 13.46 -8.16 -1.36
C GLN A 136 12.65 -6.99 -1.96
N VAL A 137 13.14 -6.48 -3.08
CA VAL A 137 12.51 -5.41 -3.83
C VAL A 137 12.16 -5.91 -5.24
N LEU A 138 10.92 -6.35 -5.47
CA LEU A 138 10.56 -7.16 -6.65
C LEU A 138 9.58 -6.52 -7.61
N LYS A 139 9.56 -6.99 -8.86
CA LYS A 139 8.53 -6.58 -9.79
C LYS A 139 7.22 -7.33 -9.51
N CYS A 140 6.12 -6.61 -9.54
CA CYS A 140 4.82 -7.26 -9.43
CA CYS A 140 4.81 -7.24 -9.42
C CYS A 140 3.95 -6.89 -10.61
N ASP A 141 3.18 -7.85 -11.08
CA ASP A 141 2.19 -7.56 -12.08
C ASP A 141 0.88 -8.23 -11.61
N VAL A 142 -0.05 -7.44 -11.03
CA VAL A 142 -1.30 -8.02 -10.48
C VAL A 142 -2.15 -8.82 -11.52
N THR A 143 -1.95 -8.55 -12.80
CA THR A 143 -2.62 -9.30 -13.89
C THR A 143 -2.13 -10.73 -14.06
N GLN A 144 -0.95 -11.05 -13.52
CA GLN A 144 -0.33 -12.37 -13.70
C GLN A 144 -0.72 -13.39 -12.64
N SER A 145 -0.95 -14.63 -13.08
CA SER A 145 -1.30 -15.75 -12.20
C SER A 145 -0.24 -15.92 -11.13
N GLN A 146 1.02 -15.73 -11.54
CA GLN A 146 2.12 -15.56 -10.59
C GLN A 146 2.55 -14.07 -10.60
N PRO A 147 1.86 -13.21 -9.80
CA PRO A 147 2.16 -11.74 -9.86
C PRO A 147 3.64 -11.37 -9.70
N LEU A 148 4.42 -12.21 -9.00
CA LEU A 148 5.86 -12.01 -8.81
C LEU A 148 6.73 -12.76 -9.87
N GLY A 149 6.07 -13.28 -10.90
CA GLY A 149 6.73 -14.02 -11.96
C GLY A 149 7.36 -15.27 -11.39
N ALA A 150 8.64 -15.46 -11.72
CA ALA A 150 9.31 -16.72 -11.44
C ALA A 150 10.04 -16.68 -10.09
N VAL A 151 10.07 -15.50 -9.44
CA VAL A 151 10.72 -15.41 -8.13
C VAL A 151 9.94 -16.32 -7.18
N PRO A 152 10.64 -17.28 -6.52
CA PRO A 152 9.99 -18.10 -5.50
C PRO A 152 9.92 -17.33 -4.17
N LEU A 153 8.76 -17.36 -3.55
CA LEU A 153 8.62 -16.74 -2.24
C LEU A 153 7.71 -17.65 -1.41
N PRO A 154 8.13 -17.96 -0.17
CA PRO A 154 7.20 -18.72 0.70
C PRO A 154 5.82 -18.05 0.79
N PRO A 155 4.75 -18.84 1.03
CA PRO A 155 3.42 -18.22 1.22
C PRO A 155 3.47 -17.15 2.32
N ALA A 156 2.78 -16.04 2.12
CA ALA A 156 2.88 -14.91 3.04
C ALA A 156 1.76 -14.92 4.07
N ASP A 157 1.91 -14.15 5.16
CA ASP A 157 0.83 -13.96 6.17
C ASP A 157 -0.06 -12.73 5.90
N CYS A 158 0.41 -11.83 5.04
CA CYS A 158 -0.33 -10.62 4.69
C CYS A 158 0.07 -10.12 3.33
N VAL A 159 -0.93 -9.66 2.58
CA VAL A 159 -0.68 -8.93 1.35
C VAL A 159 -1.36 -7.58 1.56
N LEU A 160 -0.61 -6.50 1.36
CA LEU A 160 -1.08 -5.14 1.62
C LEU A 160 -1.13 -4.46 0.26
N SER A 161 -2.23 -3.78 -0.04
CA SER A 161 -2.28 -2.98 -1.27
C SER A 161 -2.95 -1.66 -0.94
N THR A 162 -2.15 -0.58 -0.89
CA THR A 162 -2.68 0.76 -0.65
C THR A 162 -2.64 1.62 -1.90
N LEU A 163 -3.84 2.03 -2.34
CA LEU A 163 -4.04 2.90 -3.50
C LEU A 163 -3.51 2.37 -4.83
N CYS A 164 -3.48 1.06 -4.95
CA CYS A 164 -2.97 0.45 -6.17
C CYS A 164 -4.08 -0.24 -6.95
N LEU A 165 -4.84 -1.14 -6.32
CA LEU A 165 -5.74 -2.01 -7.09
C LEU A 165 -6.79 -1.32 -7.95
N ASP A 166 -7.48 -0.34 -7.39
CA ASP A 166 -8.47 0.38 -8.13
C ASP A 166 -7.85 1.01 -9.38
N ALA A 167 -6.69 1.64 -9.21
CA ALA A 167 -6.00 2.30 -10.32
C ALA A 167 -5.42 1.26 -11.25
N ALA A 168 -4.92 0.14 -10.75
CA ALA A 168 -4.31 -0.85 -11.63
C ALA A 168 -5.32 -1.60 -12.52
N CYS A 169 -6.60 -1.61 -12.15
CA CYS A 169 -7.58 -2.46 -12.81
C CYS A 169 -8.73 -1.62 -13.39
N PRO A 170 -8.79 -1.47 -14.73
CA PRO A 170 -9.88 -0.67 -15.30
C PRO A 170 -11.24 -1.38 -15.14
N ASP A 171 -11.27 -2.69 -15.38
CA ASP A 171 -12.48 -3.53 -15.38
C ASP A 171 -12.74 -4.18 -14.05
N LEU A 172 -14.03 -4.40 -13.74
CA LEU A 172 -14.40 -5.28 -12.63
C LEU A 172 -13.85 -6.71 -12.82
N PRO A 173 -13.92 -7.26 -14.05
CA PRO A 173 -13.26 -8.57 -14.24
C PRO A 173 -11.74 -8.55 -14.01
N THR A 174 -11.07 -7.47 -14.43
CA THR A 174 -9.62 -7.34 -14.15
C THR A 174 -9.40 -7.32 -12.61
N TYR A 175 -10.15 -6.47 -11.92
CA TYR A 175 -10.10 -6.32 -10.47
C TYR A 175 -10.26 -7.69 -9.81
N CYS A 176 -11.29 -8.44 -10.19
CA CYS A 176 -11.49 -9.75 -9.52
C CYS A 176 -10.36 -10.71 -9.69
N ARG A 177 -9.80 -10.78 -10.90
CA ARG A 177 -8.67 -11.68 -11.19
C ARG A 177 -7.42 -11.28 -10.39
N ALA A 178 -7.15 -9.98 -10.33
CA ALA A 178 -6.04 -9.48 -9.51
C ALA A 178 -6.19 -9.95 -8.07
N LEU A 179 -7.39 -9.82 -7.50
CA LEU A 179 -7.66 -10.27 -6.14
C LEU A 179 -7.33 -11.76 -5.98
N ARG A 180 -7.74 -12.59 -6.96
CA ARG A 180 -7.37 -14.04 -6.97
C ARG A 180 -5.87 -14.26 -7.23
N ASN A 181 -5.30 -13.56 -8.22
CA ASN A 181 -3.82 -13.57 -8.37
C ASN A 181 -3.07 -13.25 -7.04
N LEU A 182 -3.47 -12.17 -6.35
CA LEU A 182 -2.88 -11.88 -5.01
C LEU A 182 -3.04 -13.03 -3.99
N GLY A 183 -4.23 -13.63 -3.98
CA GLY A 183 -4.48 -14.80 -3.13
C GLY A 183 -3.45 -15.90 -3.30
N SER A 184 -2.90 -16.05 -4.50
CA SER A 184 -1.95 -17.12 -4.74
C SER A 184 -0.69 -16.89 -3.93
N LEU A 185 -0.46 -15.65 -3.45
CA LEU A 185 0.72 -15.34 -2.63
C LEU A 185 0.55 -15.61 -1.13
N LEU A 186 -0.65 -15.96 -0.73
CA LEU A 186 -0.98 -16.07 0.69
C LEU A 186 -1.24 -17.49 1.15
N LYS A 187 -0.87 -17.76 2.40
CA LYS A 187 -1.34 -18.89 3.18
C LYS A 187 -2.86 -18.85 3.38
N PRO A 188 -3.50 -20.04 3.53
CA PRO A 188 -4.85 -20.10 4.08
C PRO A 188 -4.90 -19.32 5.39
N GLY A 189 -5.92 -18.48 5.54
CA GLY A 189 -6.09 -17.68 6.74
C GLY A 189 -5.35 -16.35 6.61
N GLY A 190 -4.52 -16.23 5.58
CA GLY A 190 -3.64 -15.07 5.39
C GLY A 190 -4.42 -13.79 5.20
N PHE A 191 -3.89 -12.70 5.73
CA PHE A 191 -4.58 -11.40 5.67
C PHE A 191 -4.44 -10.71 4.31
N LEU A 192 -5.55 -10.13 3.86
CA LEU A 192 -5.53 -9.18 2.74
C LEU A 192 -6.00 -7.82 3.23
N VAL A 193 -5.13 -6.80 3.09
CA VAL A 193 -5.43 -5.46 3.55
C VAL A 193 -5.45 -4.55 2.33
N ILE A 194 -6.62 -4.01 1.98
CA ILE A 194 -6.75 -3.06 0.87
C ILE A 194 -7.14 -1.70 1.42
N MET A 195 -6.45 -0.66 0.96
CA MET A 195 -6.91 0.68 1.18
C MET A 195 -6.97 1.28 -0.21
N ASP A 196 -8.04 2.02 -0.48
CA ASP A 196 -8.28 2.59 -1.79
C ASP A 196 -9.37 3.65 -1.69
N ALA A 197 -9.66 4.30 -2.79
CA ALA A 197 -10.70 5.32 -2.79
C ALA A 197 -11.90 4.78 -3.57
N LEU A 198 -13.09 5.18 -3.17
CA LEU A 198 -14.26 5.02 -4.04
C LEU A 198 -14.50 6.43 -4.58
N LYS A 199 -14.11 6.69 -5.84
CA LYS A 199 -14.23 8.06 -6.41
C LYS A 199 -15.70 8.45 -6.61
N SER A 200 -16.07 9.69 -6.26
CA SER A 200 -17.43 10.21 -6.52
C SER A 200 -17.67 10.38 -8.04
N SER A 201 -18.89 10.71 -8.45
CA SER A 201 -19.15 11.03 -9.87
C SER A 201 -18.82 12.49 -10.28
N TYR A 202 -18.45 13.34 -9.33
CA TYR A 202 -18.24 14.76 -9.62
C TYR A 202 -17.06 14.96 -10.57
N TYR A 203 -17.27 15.77 -11.61
CA TYR A 203 -16.23 16.05 -12.62
C TYR A 203 -15.69 14.80 -13.32
N MET A 204 -16.46 13.72 -13.34
CA MET A 204 -15.98 12.49 -13.96
C MET A 204 -16.29 12.40 -15.46
N ILE A 205 -15.26 12.08 -16.23
CA ILE A 205 -15.31 11.72 -17.63
C ILE A 205 -15.33 10.17 -17.78
N GLY A 206 -16.34 9.61 -18.42
CA GLY A 206 -16.49 8.13 -18.49
C GLY A 206 -17.04 7.53 -17.21
N GLU A 207 -16.97 6.19 -17.09
CA GLU A 207 -17.53 5.45 -15.93
C GLU A 207 -16.46 4.75 -15.05
N GLN A 208 -16.83 4.40 -13.83
CA GLN A 208 -15.89 3.80 -12.89
C GLN A 208 -16.42 2.50 -12.31
N LYS A 209 -15.50 1.63 -11.90
CA LYS A 209 -15.83 0.34 -11.33
C LYS A 209 -16.98 0.40 -10.30
N PHE A 210 -16.90 1.29 -9.31
CA PHE A 210 -17.91 1.36 -8.25
C PHE A 210 -18.49 2.79 -8.06
N SER A 211 -19.63 2.88 -7.37
CA SER A 211 -20.13 4.16 -6.82
C SER A 211 -19.54 4.35 -5.43
N GLY A 216 -21.37 1.83 -3.08
CA GLY A 216 -20.11 1.27 -3.59
C GLY A 216 -19.45 0.23 -2.68
N ARG A 217 -19.68 0.38 -1.37
CA ARG A 217 -19.23 -0.60 -0.36
C ARG A 217 -19.59 -2.02 -0.81
N GLU A 218 -20.89 -2.25 -1.10
CA GLU A 218 -21.43 -3.56 -1.49
C GLU A 218 -20.72 -4.19 -2.69
N ALA A 219 -20.43 -3.40 -3.71
CA ALA A 219 -19.75 -3.97 -4.89
C ALA A 219 -18.29 -4.33 -4.65
N VAL A 220 -17.59 -3.55 -3.81
CA VAL A 220 -16.17 -3.90 -3.50
C VAL A 220 -16.11 -5.19 -2.66
N GLU A 221 -16.98 -5.27 -1.68
CA GLU A 221 -17.14 -6.48 -0.84
C GLU A 221 -17.44 -7.73 -1.66
N ALA A 222 -18.35 -7.60 -2.62
CA ALA A 222 -18.80 -8.77 -3.37
C ALA A 222 -17.63 -9.27 -4.15
N ALA A 223 -16.89 -8.33 -4.73
CA ALA A 223 -15.67 -8.67 -5.44
C ALA A 223 -14.67 -9.46 -4.56
N VAL A 224 -14.39 -8.93 -3.36
CA VAL A 224 -13.46 -9.56 -2.44
C VAL A 224 -13.94 -10.94 -1.99
N LYS A 225 -15.21 -11.03 -1.60
CA LYS A 225 -15.83 -12.31 -1.23
C LYS A 225 -15.76 -13.30 -2.38
N GLU A 226 -16.21 -12.89 -3.56
CA GLU A 226 -16.24 -13.84 -4.67
C GLU A 226 -14.84 -14.19 -5.16
N ALA A 227 -13.85 -13.36 -4.83
CA ALA A 227 -12.45 -13.66 -5.15
C ALA A 227 -11.87 -14.75 -4.23
N GLY A 228 -12.57 -15.10 -3.16
CA GLY A 228 -12.12 -16.17 -2.27
C GLY A 228 -11.69 -15.68 -0.89
N TYR A 229 -12.26 -14.57 -0.42
CA TYR A 229 -11.84 -14.08 0.94
C TYR A 229 -13.03 -13.90 1.85
N THR A 230 -12.82 -13.94 3.16
CA THR A 230 -13.83 -13.51 4.13
C THR A 230 -13.43 -12.14 4.61
N ILE A 231 -14.41 -11.24 4.72
CA ILE A 231 -14.16 -9.89 5.15
C ILE A 231 -14.29 -9.81 6.64
N GLU A 232 -13.24 -9.28 7.26
CA GLU A 232 -13.18 -9.10 8.68
C GLU A 232 -13.61 -7.70 9.03
N TRP A 233 -13.13 -6.71 8.32
CA TRP A 233 -13.75 -5.41 8.48
CA TRP A 233 -13.54 -5.32 8.57
C TRP A 233 -13.56 -4.54 7.27
N PHE A 234 -14.52 -3.63 7.13
CA PHE A 234 -14.58 -2.65 6.09
C PHE A 234 -14.93 -1.34 6.77
N GLU A 235 -14.19 -0.30 6.44
CA GLU A 235 -14.43 1.03 7.03
C GLU A 235 -14.15 2.12 6.02
N VAL A 236 -15.09 3.04 5.87
CA VAL A 236 -14.80 4.33 5.24
C VAL A 236 -13.88 5.18 6.14
N ILE A 237 -12.97 5.94 5.53
CA ILE A 237 -11.99 6.76 6.26
C ILE A 237 -12.42 8.24 6.28
N GLY A 250 -13.73 9.72 -0.87
CA GLY A 250 -14.20 8.45 -0.26
C GLY A 250 -13.14 7.33 -0.15
N LEU A 251 -12.31 7.40 0.91
CA LEU A 251 -11.26 6.41 1.20
C LEU A 251 -11.82 5.30 2.04
N PHE A 252 -11.40 4.08 1.76
CA PHE A 252 -11.86 2.94 2.55
C PHE A 252 -10.69 2.05 2.92
N SER A 253 -10.91 1.24 3.93
CA SER A 253 -9.96 0.27 4.35
C SER A 253 -10.74 -1.02 4.43
N LEU A 254 -10.13 -2.13 4.04
CA LEU A 254 -10.77 -3.43 4.11
C LEU A 254 -9.72 -4.43 4.58
N VAL A 255 -10.08 -5.25 5.56
CA VAL A 255 -9.22 -6.34 6.04
C VAL A 255 -9.97 -7.64 5.77
N ALA A 256 -9.32 -8.54 5.03
CA ALA A 256 -9.89 -9.84 4.68
C ALA A 256 -8.91 -11.01 5.03
N ARG A 257 -9.42 -12.25 4.98
CA ARG A 257 -8.65 -13.47 5.20
C ARG A 257 -8.90 -14.38 4.03
N LYS A 258 -7.84 -14.99 3.50
CA LYS A 258 -7.98 -15.89 2.36
C LYS A 258 -8.75 -17.13 2.84
N LEU A 259 -9.72 -17.61 2.06
CA LEU A 259 -10.48 -18.83 2.43
C LEU A 259 -9.77 -20.07 1.90
CA GLY B 1 -2.14 11.43 -9.55
C GLY B 1 -2.44 11.24 -8.08
C1 MEA B 2 -1.13 13.26 -7.70
N MEA B 2 -1.86 12.07 -7.22
CA MEA B 2 -1.85 11.72 -5.80
C MEA B 2 -3.31 11.55 -5.31
O MEA B 2 -4.14 12.40 -5.61
CB MEA B 2 -1.05 12.81 -5.04
CG MEA B 2 -1.18 12.59 -3.56
CD1 MEA B 2 -0.13 11.96 -2.87
CE1 MEA B 2 -0.23 11.78 -1.49
CZ MEA B 2 -1.40 12.18 -0.80
CE2 MEA B 2 -2.44 12.84 -1.49
CD2 MEA B 2 -2.33 13.04 -2.87
N PRO B 3 -3.64 10.50 -4.53
CA PRO B 3 -2.69 9.61 -3.87
C PRO B 3 -2.44 8.30 -4.63
N TYR B 4 -2.90 8.22 -5.88
CA TYR B 4 -2.41 7.14 -6.76
C TYR B 4 -0.93 7.34 -7.00
N LYS B 5 -0.22 6.28 -7.37
CA LYS B 5 1.23 6.40 -7.57
C LYS B 5 1.55 6.27 -9.06
N PRO B 6 2.72 6.78 -9.48
CA PRO B 6 3.16 6.47 -10.85
C PRO B 6 3.24 4.95 -11.03
C DI8 B 7 1.11 5.34 -13.56
N DI8 B 7 3.01 4.42 -12.24
O DI8 B 7 0.63 5.72 -14.61
C1 DI8 B 7 3.30 4.73 -14.68
C2 DI8 B 7 2.88 3.28 -14.88
C3 DI8 B 7 2.56 2.80 -16.17
C4 DI8 B 7 2.17 1.48 -16.37
C5 DI8 B 7 2.08 0.63 -15.28
C6 DI8 B 7 2.36 1.09 -13.97
C7 DI8 B 7 2.77 2.41 -13.77
C8 DI8 B 7 3.07 2.93 -12.35
CA DI8 B 7 2.62 5.25 -13.40
N XA6 B 8 0.33 5.00 -12.52
CA XA6 B 8 -1.16 5.15 -12.60
CB XA6 B 8 -1.86 4.29 -11.57
CG XA6 B 8 -1.44 2.85 -11.78
CD1 XA6 B 8 -1.65 2.16 -13.01
CE1 XA6 B 8 -1.24 0.82 -13.14
CD2 XA6 B 8 -0.82 2.20 -10.73
CE2 XA6 B 8 -0.44 0.88 -10.86
CZ1 XA6 B 8 -0.65 0.17 -12.05
CH XA6 B 8 -0.16 -1.25 -12.09
OT XA6 B 8 -0.39 -2.01 -13.07
NT XA6 B 8 0.53 -1.68 -11.04
C XA6 B 8 -1.58 6.62 -12.56
O XA6 B 8 -2.44 7.06 -13.33
N CYS B 9 -0.95 7.41 -11.70
CA CYS B 9 -1.19 8.84 -11.60
C CYS B 9 -0.48 9.54 -12.78
#